data_6GNH
#
_entry.id   6GNH
#
_cell.length_a   48.613
_cell.length_b   90.990
_cell.length_c   53.561
_cell.angle_alpha   90.000
_cell.angle_beta   114.610
_cell.angle_gamma   90.000
#
_symmetry.space_group_name_H-M   'P 1 21 1'
#
loop_
_entity.id
_entity.type
_entity.pdbx_description
1 polymer 'Glycylpeptide N-tetradecanoyltransferase'
2 non-polymer TETRADECANOYL-COA
3 non-polymer 'methyl 4-(azepan-1-yl)-3-[(4-methoxyphenyl)sulfonylamino]benzoate'
4 water water
#
_entity_poly.entity_id   1
_entity_poly.type   'polypeptide(L)'
_entity_poly.pdbx_seq_one_letter_code
;MGSSHHHHHHSSGRENLYFQGPSNSDAAHAFWSTQPVPQTEDETEKIVFAGPMDEPKTVADIPEEPYPIASTFEWWTPNM
EAADDIHAIYELLRDNYVEDDDSMFRFNYSEEFLQWALCPPNYIPDWHVAVRRKADKKLLAFIAGVPVTLRMGTPKYMKV
KAQEKGEGEEAAKYDEPRHICEINFLCVHKQLREKRLAPILIKEATRRVNRTNVWQAVYTAGVLLPTPYASGQYFHRSLN
PEKLVEIRFSGIPAQYQKFQNPMAMLKRNYQLPSAPKNSGLREMKPSDVPQVRRILMNYLDSFDVGPVFSDAEISHYLLP
RDGVVFTYVVENDKKVTDFFSFYRIPSTVIGNSNYNLLNAAYVHYYAATSIPLHQLILDLLIVAHSRGFDVCNMVEILDN
RSFVEQLKFGAGDGHLRYYFYNWAYPKIKPSQVALVML
;
_entity_poly.pdbx_strand_id   A
#
# COMPACT_ATOMS: atom_id res chain seq x y z
N ALA A 28 -25.76 -7.10 3.82
CA ALA A 28 -25.58 -7.87 5.12
C ALA A 28 -24.23 -8.61 5.15
N HIS A 29 -23.63 -8.69 6.34
CA HIS A 29 -22.22 -9.13 6.48
C HIS A 29 -22.04 -10.19 7.55
N ALA A 30 -22.18 -11.48 7.20
CA ALA A 30 -22.16 -12.56 8.17
C ALA A 30 -20.82 -12.70 8.92
N PHE A 31 -19.72 -12.29 8.30
CA PHE A 31 -18.43 -12.23 9.00
C PHE A 31 -18.15 -10.85 9.66
N TRP A 32 -18.19 -9.78 8.86
CA TRP A 32 -17.78 -8.43 9.35
C TRP A 32 -18.68 -7.89 10.45
N SER A 33 -19.96 -8.29 10.44
CA SER A 33 -20.87 -7.98 11.56
C SER A 33 -20.36 -8.48 12.93
N THR A 34 -19.51 -9.49 12.94
CA THR A 34 -19.03 -10.13 14.18
C THR A 34 -17.70 -9.52 14.68
N GLN A 35 -17.14 -8.61 13.89
CA GLN A 35 -15.78 -8.10 14.08
C GLN A 35 -15.78 -6.73 14.73
N PRO A 36 -14.72 -6.40 15.49
CA PRO A 36 -14.65 -5.10 16.16
C PRO A 36 -14.10 -3.99 15.20
N VAL A 37 -14.93 -3.66 14.23
CA VAL A 37 -14.80 -2.55 13.33
C VAL A 37 -16.07 -1.67 13.33
N PRO A 38 -15.97 -0.37 13.03
CA PRO A 38 -17.24 0.33 12.81
C PRO A 38 -18.07 -0.35 11.73
N GLN A 39 -19.36 -0.47 12.02
CA GLN A 39 -20.29 -1.24 11.21
C GLN A 39 -21.04 -0.42 10.12
N THR A 40 -21.19 0.89 10.35
CA THR A 40 -21.84 1.80 9.39
C THR A 40 -21.07 3.13 9.24
N GLU A 41 -21.32 3.85 8.14
CA GLU A 41 -20.87 5.24 8.01
C GLU A 41 -21.49 6.13 9.08
N ASP A 42 -22.77 5.89 9.38
CA ASP A 42 -23.46 6.58 10.48
C ASP A 42 -22.65 6.43 11.79
N GLU A 43 -22.20 5.22 12.06
CA GLU A 43 -21.42 4.94 13.25
C GLU A 43 -20.11 5.68 13.20
N THR A 44 -19.51 5.65 12.04
CA THR A 44 -18.22 6.29 11.82
C THR A 44 -18.28 7.81 12.01
N GLU A 45 -19.28 8.45 11.42
CA GLU A 45 -19.48 9.90 11.57
C GLU A 45 -19.53 10.36 13.02
N LYS A 46 -20.12 9.52 13.84
CA LYS A 46 -20.25 9.73 15.28
C LYS A 46 -18.92 9.67 16.07
N ILE A 47 -17.87 9.05 15.51
CA ILE A 47 -16.62 8.80 16.28
C ILE A 47 -15.86 10.10 16.54
N VAL A 48 -15.56 10.35 17.81
CA VAL A 48 -14.87 11.57 18.18
C VAL A 48 -13.42 11.35 18.62
N PHE A 49 -13.07 10.17 19.19
CA PHE A 49 -11.68 9.93 19.63
C PHE A 49 -11.13 8.67 19.00
N ALA A 50 -9.82 8.63 18.74
CA ALA A 50 -9.15 7.35 18.43
C ALA A 50 -9.13 6.50 19.70
N GLY A 51 -9.35 5.20 19.53
CA GLY A 51 -9.29 4.26 20.63
C GLY A 51 -9.76 2.89 20.14
N PRO A 52 -9.53 1.84 20.96
CA PRO A 52 -9.91 0.47 20.73
C PRO A 52 -11.44 0.32 20.60
N MET A 53 -11.92 -0.68 19.86
CA MET A 53 -13.38 -0.98 19.78
C MET A 53 -13.74 -2.06 20.83
N ASP A 54 -12.89 -3.09 20.90
CA ASP A 54 -13.16 -4.37 21.54
C ASP A 54 -12.86 -4.40 23.02
N GLU A 55 -13.39 -5.45 23.66
CA GLU A 55 -13.04 -5.73 25.05
C GLU A 55 -11.51 -5.78 25.16
N PRO A 56 -10.89 -5.06 26.15
CA PRO A 56 -9.48 -5.40 26.51
C PRO A 56 -9.34 -6.89 26.79
N LYS A 57 -8.41 -7.52 26.07
CA LYS A 57 -8.12 -8.91 26.18
C LYS A 57 -6.67 -9.07 26.57
N THR A 58 -6.29 -10.30 26.88
CA THR A 58 -4.91 -10.58 27.24
C THR A 58 -4.43 -11.75 26.39
N VAL A 59 -3.11 -11.85 26.22
CA VAL A 59 -2.55 -12.97 25.41
C VAL A 59 -3.07 -14.32 25.95
N ALA A 60 -3.05 -14.51 27.27
CA ALA A 60 -3.47 -15.81 27.84
C ALA A 60 -4.95 -16.21 27.51
N ASP A 61 -5.80 -15.25 27.21
CA ASP A 61 -7.16 -15.54 26.81
C ASP A 61 -7.23 -16.22 25.42
N ILE A 62 -6.25 -15.94 24.56
CA ILE A 62 -6.33 -16.32 23.15
C ILE A 62 -5.99 -17.78 22.95
N PRO A 63 -6.81 -18.52 22.14
CA PRO A 63 -6.51 -19.94 21.91
C PRO A 63 -5.05 -20.18 21.48
N GLU A 64 -4.40 -21.11 22.17
CA GLU A 64 -3.05 -21.57 21.79
C GLU A 64 -3.02 -22.24 20.42
N GLU A 65 -4.08 -22.91 20.03
CA GLU A 65 -4.00 -23.65 18.79
C GLU A 65 -4.71 -23.04 17.62
N PRO A 66 -4.24 -23.40 16.42
CA PRO A 66 -4.82 -22.82 15.23
C PRO A 66 -6.33 -23.04 15.13
N TYR A 67 -6.99 -22.09 14.51
CA TYR A 67 -8.40 -22.18 14.34
C TYR A 67 -8.69 -23.49 13.57
N PRO A 68 -9.77 -24.20 13.93
CA PRO A 68 -10.08 -25.46 13.25
C PRO A 68 -10.28 -25.25 11.75
N ILE A 69 -9.87 -26.20 10.90
CA ILE A 69 -10.19 -26.08 9.44
C ILE A 69 -10.48 -27.49 8.96
N ALA A 70 -11.10 -27.59 7.80
CA ALA A 70 -11.49 -28.87 7.23
C ALA A 70 -10.32 -29.81 7.14
N SER A 71 -10.55 -31.09 7.43
CA SER A 71 -9.49 -32.13 7.46
C SER A 71 -8.69 -32.31 6.16
N THR A 72 -9.19 -31.82 5.03
CA THR A 72 -8.45 -31.86 3.75
C THR A 72 -7.52 -30.64 3.52
N PHE A 73 -7.56 -29.69 4.47
CA PHE A 73 -6.79 -28.45 4.44
C PHE A 73 -5.83 -28.51 5.57
N GLU A 74 -4.72 -27.80 5.45
CA GLU A 74 -3.82 -27.64 6.58
C GLU A 74 -3.30 -26.20 6.59
N TRP A 75 -3.05 -25.68 7.78
CA TRP A 75 -2.40 -24.38 7.94
C TRP A 75 -0.92 -24.56 7.56
N TRP A 76 -0.32 -23.51 7.00
CA TRP A 76 1.10 -23.56 6.64
C TRP A 76 1.73 -22.22 6.90
N THR A 77 2.89 -22.19 7.54
CA THR A 77 3.60 -20.94 7.73
C THR A 77 4.77 -20.95 6.74
N PRO A 78 4.64 -20.23 5.60
CA PRO A 78 5.73 -20.25 4.61
C PRO A 78 6.98 -19.71 5.25
N ASN A 79 8.11 -20.21 4.75
CA ASN A 79 9.43 -19.74 5.16
C ASN A 79 9.87 -18.76 4.06
N MET A 80 9.89 -17.48 4.43
CA MET A 80 10.18 -16.41 3.50
C MET A 80 11.64 -16.40 3.08
N GLU A 81 12.44 -17.21 3.72
CA GLU A 81 13.80 -17.45 3.31
C GLU A 81 13.93 -18.66 2.35
N ALA A 82 12.84 -19.37 2.09
CA ALA A 82 12.83 -20.46 1.14
C ALA A 82 12.35 -19.96 -0.25
N ALA A 83 13.20 -20.05 -1.26
CA ALA A 83 12.80 -19.65 -2.64
C ALA A 83 11.60 -20.37 -3.17
N ASP A 84 11.46 -21.62 -2.74
CA ASP A 84 10.34 -22.44 -3.17
C ASP A 84 9.03 -22.07 -2.43
N ASP A 85 9.10 -21.66 -1.16
CA ASP A 85 7.92 -21.09 -0.52
C ASP A 85 7.52 -19.71 -1.14
N ILE A 86 8.48 -18.79 -1.30
CA ILE A 86 8.16 -17.50 -1.99
C ILE A 86 7.56 -17.78 -3.36
N HIS A 87 8.11 -18.74 -4.10
CA HIS A 87 7.57 -19.08 -5.42
C HIS A 87 6.12 -19.53 -5.38
N ALA A 88 5.81 -20.33 -4.38
CA ALA A 88 4.45 -20.80 -4.21
C ALA A 88 3.45 -19.66 -4.01
N ILE A 89 3.79 -18.70 -3.13
CA ILE A 89 2.97 -17.54 -2.86
C ILE A 89 2.89 -16.72 -4.14
N TYR A 90 4.02 -16.58 -4.81
CA TYR A 90 4.10 -15.81 -6.07
C TYR A 90 3.11 -16.30 -7.11
N GLU A 91 3.11 -17.60 -7.35
CA GLU A 91 2.19 -18.11 -8.31
C GLU A 91 0.74 -17.98 -7.86
N LEU A 92 0.44 -18.15 -6.57
CA LEU A 92 -0.96 -18.03 -6.15
C LEU A 92 -1.43 -16.60 -6.50
N LEU A 93 -0.60 -15.64 -6.16
CA LEU A 93 -0.97 -14.23 -6.41
C LEU A 93 -0.92 -13.88 -7.90
N ARG A 94 0.01 -14.46 -8.67
CA ARG A 94 0.06 -14.18 -10.15
C ARG A 94 -1.25 -14.59 -10.81
N ASP A 95 -1.77 -15.76 -10.44
CA ASP A 95 -3.04 -16.21 -10.99
C ASP A 95 -4.34 -15.77 -10.33
N ASN A 96 -4.27 -15.34 -9.07
CA ASN A 96 -5.51 -15.18 -8.29
C ASN A 96 -5.69 -13.89 -7.47
N TYR A 97 -4.74 -12.96 -7.57
CA TYR A 97 -4.82 -11.78 -6.76
C TYR A 97 -5.59 -10.65 -7.46
N VAL A 98 -5.34 -9.42 -7.06
CA VAL A 98 -6.24 -8.30 -7.34
C VAL A 98 -6.36 -8.00 -8.83
N GLU A 99 -7.60 -7.96 -9.31
CA GLU A 99 -7.87 -7.58 -10.70
C GLU A 99 -8.61 -6.29 -10.66
N ASP A 100 -8.55 -5.51 -11.72
CA ASP A 100 -9.39 -4.29 -11.68
C ASP A 100 -10.87 -4.64 -12.00
N ASP A 101 -11.79 -3.68 -11.76
CA ASP A 101 -13.24 -3.90 -11.86
C ASP A 101 -13.58 -4.53 -13.20
N ASP A 102 -12.89 -4.08 -14.23
CA ASP A 102 -13.16 -4.58 -15.55
C ASP A 102 -12.31 -5.75 -15.98
N SER A 103 -11.53 -6.34 -15.06
CA SER A 103 -10.65 -7.47 -15.40
C SER A 103 -9.75 -7.16 -16.61
N MET A 104 -9.16 -5.98 -16.60
CA MET A 104 -8.25 -5.62 -17.69
C MET A 104 -6.84 -6.00 -17.26
N PHE A 105 -6.58 -5.89 -15.95
CA PHE A 105 -5.27 -6.23 -15.38
C PHE A 105 -5.35 -7.03 -14.11
N ARG A 106 -4.27 -7.77 -13.80
CA ARG A 106 -4.10 -8.42 -12.51
C ARG A 106 -2.66 -8.18 -12.04
N PHE A 107 -2.51 -7.80 -10.78
CA PHE A 107 -1.16 -7.54 -10.22
C PHE A 107 -0.34 -8.79 -10.38
N ASN A 108 0.93 -8.60 -10.76
CA ASN A 108 1.90 -9.68 -10.89
C ASN A 108 3.15 -9.32 -10.01
N TYR A 109 2.95 -9.14 -8.70
CA TYR A 109 4.10 -8.88 -7.79
C TYR A 109 5.17 -9.91 -7.94
N SER A 110 6.41 -9.49 -7.98
CA SER A 110 7.50 -10.41 -8.27
C SER A 110 7.94 -11.15 -6.99
N GLU A 111 8.62 -12.29 -7.17
CA GLU A 111 9.24 -12.99 -6.02
C GLU A 111 10.13 -12.05 -5.17
N GLU A 112 10.99 -11.28 -5.84
CA GLU A 112 11.94 -10.38 -5.16
C GLU A 112 11.14 -9.32 -4.38
N PHE A 113 10.08 -8.82 -5.01
CA PHE A 113 9.20 -7.87 -4.32
C PHE A 113 8.56 -8.46 -3.09
N LEU A 114 8.05 -9.67 -3.19
CA LEU A 114 7.39 -10.31 -2.06
C LEU A 114 8.33 -10.53 -0.91
N GLN A 115 9.59 -10.89 -1.20
CA GLN A 115 10.53 -11.15 -0.12
C GLN A 115 10.79 -9.83 0.63
N TRP A 116 10.91 -8.79 -0.16
CA TRP A 116 11.05 -7.39 0.33
C TRP A 116 9.88 -6.93 1.22
N ALA A 117 8.66 -7.06 0.69
CA ALA A 117 7.49 -6.58 1.37
C ALA A 117 7.16 -7.40 2.60
N LEU A 118 7.42 -8.70 2.57
CA LEU A 118 7.03 -9.62 3.66
C LEU A 118 8.03 -9.72 4.79
N CYS A 119 9.25 -9.29 4.52
CA CYS A 119 10.34 -9.46 5.47
C CYS A 119 11.05 -8.16 5.93
N PRO A 120 10.28 -7.18 6.43
CA PRO A 120 10.96 -6.00 6.95
C PRO A 120 11.63 -6.33 8.28
N PRO A 121 12.36 -5.37 8.86
CA PRO A 121 13.07 -5.66 10.09
C PRO A 121 12.11 -6.12 11.15
N ASN A 122 12.49 -7.15 11.88
CA ASN A 122 11.70 -7.64 13.02
C ASN A 122 10.35 -8.22 12.64
N TYR A 123 10.21 -8.60 11.38
CA TYR A 123 9.01 -9.28 10.92
C TYR A 123 8.77 -10.56 11.74
N ILE A 124 7.53 -11.01 11.77
CA ILE A 124 7.17 -12.15 12.60
C ILE A 124 6.73 -13.19 11.60
N PRO A 125 7.57 -14.23 11.40
CA PRO A 125 7.21 -15.25 10.43
C PRO A 125 5.82 -15.81 10.65
N ASP A 126 5.41 -15.94 11.90
CA ASP A 126 4.14 -16.56 12.24
C ASP A 126 2.94 -15.74 11.71
N TRP A 127 3.20 -14.46 11.47
CA TRP A 127 2.15 -13.60 10.89
C TRP A 127 1.82 -13.87 9.42
N HIS A 128 2.62 -14.67 8.72
CA HIS A 128 2.31 -15.02 7.34
C HIS A 128 1.53 -16.33 7.33
N VAL A 129 0.26 -16.28 6.91
CA VAL A 129 -0.66 -17.39 7.12
C VAL A 129 -1.12 -17.94 5.79
N ALA A 130 -0.97 -19.26 5.60
CA ALA A 130 -1.40 -19.91 4.40
C ALA A 130 -2.28 -21.15 4.66
N VAL A 131 -3.09 -21.49 3.69
CA VAL A 131 -3.81 -22.73 3.67
C VAL A 131 -3.34 -23.49 2.43
N ARG A 132 -2.87 -24.70 2.67
CA ARG A 132 -2.65 -25.65 1.61
C ARG A 132 -3.53 -26.91 1.66
N ARG A 133 -3.76 -27.47 0.48
CA ARG A 133 -4.54 -28.67 0.36
C ARG A 133 -3.62 -29.76 0.86
N LYS A 134 -4.11 -30.59 1.76
CA LYS A 134 -3.20 -31.45 2.53
C LYS A 134 -2.54 -32.43 1.56
N ALA A 135 -3.33 -32.94 0.64
CA ALA A 135 -2.92 -34.06 -0.19
C ALA A 135 -1.72 -33.76 -1.10
N ASP A 136 -1.78 -32.61 -1.81
CA ASP A 136 -0.74 -32.22 -2.78
C ASP A 136 0.09 -30.96 -2.40
N LYS A 137 -0.19 -30.37 -1.24
CA LYS A 137 0.38 -29.09 -0.77
C LYS A 137 0.13 -27.89 -1.70
N LYS A 138 -0.89 -27.99 -2.54
CA LYS A 138 -1.31 -26.79 -3.30
C LYS A 138 -1.76 -25.70 -2.38
N LEU A 139 -1.09 -24.56 -2.54
CA LEU A 139 -1.45 -23.33 -1.85
C LEU A 139 -2.81 -22.91 -2.37
N LEU A 140 -3.78 -22.80 -1.46
CA LEU A 140 -5.15 -22.37 -1.81
C LEU A 140 -5.51 -20.95 -1.39
N ALA A 141 -4.85 -20.47 -0.33
CA ALA A 141 -5.11 -19.15 0.24
C ALA A 141 -3.92 -18.60 1.07
N PHE A 142 -3.87 -17.29 1.25
CA PHE A 142 -2.76 -16.62 1.90
C PHE A 142 -3.23 -15.27 2.43
N ILE A 143 -2.61 -14.85 3.54
CA ILE A 143 -2.74 -13.52 4.08
C ILE A 143 -1.41 -13.24 4.78
N ALA A 144 -0.95 -12.00 4.78
CA ALA A 144 0.36 -11.66 5.35
C ALA A 144 0.17 -10.51 6.30
N GLY A 145 0.80 -10.60 7.44
CA GLY A 145 0.91 -9.43 8.27
C GLY A 145 2.36 -9.11 8.49
N VAL A 146 2.66 -7.81 8.57
CA VAL A 146 3.99 -7.36 8.95
C VAL A 146 3.88 -6.28 10.08
N PRO A 147 4.92 -6.14 10.91
CA PRO A 147 4.86 -4.98 11.85
C PRO A 147 4.86 -3.60 11.16
N VAL A 148 4.15 -2.67 11.77
CA VAL A 148 4.22 -1.27 11.39
C VAL A 148 4.10 -0.51 12.69
N THR A 149 4.88 0.58 12.80
CA THR A 149 4.76 1.51 13.92
C THR A 149 3.96 2.69 13.38
N LEU A 150 2.74 2.86 13.86
CA LEU A 150 1.82 3.80 13.25
C LEU A 150 1.34 4.89 14.23
N ARG A 151 1.44 6.14 13.85
CA ARG A 151 0.70 7.19 14.56
C ARG A 151 -0.74 7.08 14.11
N MET A 152 -1.61 6.94 15.07
CA MET A 152 -3.00 6.73 14.78
C MET A 152 -3.85 7.31 15.93
N GLY A 153 -3.34 8.36 16.58
CA GLY A 153 -4.16 9.10 17.54
C GLY A 153 -5.14 10.02 16.80
N THR A 154 -6.03 10.61 17.60
CA THR A 154 -7.13 11.49 17.14
C THR A 154 -6.62 12.55 16.18
N PRO A 155 -7.24 12.62 15.00
CA PRO A 155 -6.86 13.58 13.97
C PRO A 155 -7.00 15.01 14.44
N LYS A 156 -6.23 15.89 13.80
CA LYS A 156 -6.19 17.31 14.20
C LYS A 156 -7.59 17.97 14.28
N TYR A 157 -8.43 17.74 13.27
CA TYR A 157 -9.71 18.44 13.18
C TYR A 157 -10.60 17.98 14.34
N MET A 158 -10.47 16.72 14.73
CA MET A 158 -11.20 16.24 15.87
C MET A 158 -10.60 16.68 17.21
N LYS A 159 -9.29 16.87 17.25
CA LYS A 159 -8.66 17.33 18.48
C LYS A 159 -9.17 18.76 18.77
N VAL A 160 -9.22 19.59 17.75
CA VAL A 160 -9.76 20.93 17.92
C VAL A 160 -11.13 20.87 18.60
N LYS A 161 -12.06 20.10 17.99
CA LYS A 161 -13.41 19.85 18.52
C LYS A 161 -13.42 19.36 19.95
N ALA A 162 -12.37 18.63 20.31
CA ALA A 162 -12.21 18.10 21.66
C ALA A 162 -11.84 19.18 22.64
N GLN A 163 -10.90 20.05 22.25
CA GLN A 163 -10.53 21.18 23.07
C GLN A 163 -11.75 22.03 23.38
N GLU A 164 -12.62 22.19 22.36
CA GLU A 164 -13.91 22.91 22.47
C GLU A 164 -14.91 22.25 23.45
N LYS A 165 -14.75 20.96 23.71
CA LYS A 165 -15.65 20.30 24.65
C LYS A 165 -15.08 20.18 26.08
N GLY A 166 -13.83 20.63 26.30
CA GLY A 166 -13.03 20.28 27.50
C GLY A 166 -12.37 18.90 27.46
N GLU A 167 -12.58 18.15 26.37
CA GLU A 167 -12.20 16.71 26.26
C GLU A 167 -10.75 16.42 25.70
N GLY A 168 -9.82 17.37 25.92
CA GLY A 168 -8.41 17.27 25.49
C GLY A 168 -7.67 15.98 25.85
N GLU A 169 -7.65 15.62 27.13
CA GLU A 169 -6.94 14.44 27.58
C GLU A 169 -7.41 13.17 26.87
N GLU A 170 -8.71 12.95 26.82
CA GLU A 170 -9.26 11.77 26.17
C GLU A 170 -8.83 11.74 24.69
N ALA A 171 -8.92 12.89 24.04
CA ALA A 171 -8.57 13.01 22.64
C ALA A 171 -7.14 12.64 22.40
N ALA A 172 -6.27 12.93 23.37
CA ALA A 172 -4.81 12.68 23.29
C ALA A 172 -4.37 11.33 23.79
N LYS A 173 -5.25 10.56 24.43
CA LYS A 173 -4.82 9.32 25.12
C LYS A 173 -3.92 8.40 24.26
N TYR A 174 -4.17 8.38 22.96
CA TYR A 174 -3.57 7.29 22.12
C TYR A 174 -2.67 7.85 21.05
N ASP A 175 -2.03 8.99 21.37
CA ASP A 175 -1.15 9.72 20.43
C ASP A 175 0.17 9.02 20.14
N GLU A 176 0.67 8.20 21.07
CA GLU A 176 1.99 7.70 20.90
C GLU A 176 1.93 6.69 19.76
N PRO A 177 2.98 6.62 18.92
CA PRO A 177 3.00 5.66 17.81
C PRO A 177 2.80 4.26 18.35
N ARG A 178 1.99 3.44 17.67
CA ARG A 178 1.72 2.09 18.18
C ARG A 178 2.28 1.02 17.28
N HIS A 179 2.79 -0.05 17.90
CA HIS A 179 3.33 -1.18 17.16
C HIS A 179 2.20 -2.17 16.86
N ILE A 180 1.75 -2.16 15.59
CA ILE A 180 0.60 -2.92 15.25
C ILE A 180 0.90 -3.79 14.02
N CYS A 181 -0.16 -4.32 13.41
CA CYS A 181 -0.04 -5.21 12.28
C CYS A 181 -0.53 -4.55 10.98
N GLU A 182 0.26 -4.69 9.92
CA GLU A 182 -0.21 -4.24 8.61
C GLU A 182 -0.50 -5.45 7.79
N ILE A 183 -1.78 -5.61 7.42
CA ILE A 183 -2.22 -6.74 6.62
C ILE A 183 -2.16 -6.43 5.11
N ASN A 184 -1.77 -7.41 4.31
CA ASN A 184 -1.75 -7.27 2.83
C ASN A 184 -1.78 -8.67 2.22
N PHE A 185 -2.04 -8.78 0.91
CA PHE A 185 -1.88 -10.00 0.15
C PHE A 185 -2.84 -11.10 0.49
N LEU A 186 -3.99 -10.70 1.03
CA LEU A 186 -5.10 -11.65 1.21
C LEU A 186 -5.52 -12.17 -0.16
N CYS A 187 -5.61 -13.49 -0.30
CA CYS A 187 -5.90 -14.06 -1.61
C CYS A 187 -6.44 -15.48 -1.41
N VAL A 188 -7.58 -15.74 -2.04
CA VAL A 188 -8.17 -17.07 -2.12
C VAL A 188 -8.13 -17.54 -3.59
N HIS A 189 -7.58 -18.72 -3.83
CA HIS A 189 -7.64 -19.29 -5.18
C HIS A 189 -9.03 -19.18 -5.83
N LYS A 190 -9.04 -18.76 -7.10
CA LYS A 190 -10.28 -18.64 -7.88
C LYS A 190 -11.17 -19.89 -7.80
N GLN A 191 -10.59 -21.06 -7.65
CA GLN A 191 -11.39 -22.31 -7.53
C GLN A 191 -12.14 -22.41 -6.22
N LEU A 192 -11.69 -21.63 -5.24
CA LEU A 192 -12.19 -21.75 -3.87
C LEU A 192 -12.99 -20.55 -3.42
N ARG A 193 -13.31 -19.67 -4.36
CA ARG A 193 -14.03 -18.43 -4.07
C ARG A 193 -15.45 -18.68 -3.57
N GLU A 194 -15.90 -17.81 -2.67
CA GLU A 194 -17.28 -17.78 -2.17
C GLU A 194 -17.67 -19.04 -1.41
N LYS A 195 -16.67 -19.60 -0.74
CA LYS A 195 -16.80 -20.77 0.16
C LYS A 195 -16.39 -20.40 1.56
N ARG A 196 -16.34 -19.10 1.83
CA ARG A 196 -16.12 -18.57 3.18
C ARG A 196 -14.70 -18.88 3.74
N LEU A 197 -13.73 -19.09 2.85
CA LEU A 197 -12.36 -19.39 3.24
C LEU A 197 -11.65 -18.13 3.75
N ALA A 198 -12.04 -16.97 3.24
CA ALA A 198 -11.38 -15.70 3.63
C ALA A 198 -11.60 -15.35 5.13
N PRO A 199 -12.85 -15.48 5.64
CA PRO A 199 -13.00 -15.21 7.06
C PRO A 199 -12.13 -16.11 7.93
N ILE A 200 -11.94 -17.37 7.55
CA ILE A 200 -11.10 -18.32 8.27
C ILE A 200 -9.64 -17.84 8.30
N LEU A 201 -9.16 -17.35 7.16
CA LEU A 201 -7.82 -16.78 7.08
C LEU A 201 -7.62 -15.55 7.97
N ILE A 202 -8.61 -14.66 7.96
CA ILE A 202 -8.56 -13.47 8.75
C ILE A 202 -8.61 -13.81 10.26
N LYS A 203 -9.52 -14.71 10.68
CA LYS A 203 -9.57 -15.21 12.08
C LYS A 203 -8.24 -15.83 12.56
N GLU A 204 -7.62 -16.63 11.73
CA GLU A 204 -6.38 -17.23 12.10
C GLU A 204 -5.21 -16.23 12.12
N ALA A 205 -5.16 -15.31 11.14
CA ALA A 205 -4.24 -14.20 11.23
C ALA A 205 -4.47 -13.34 12.50
N THR A 206 -5.72 -13.06 12.82
CA THR A 206 -6.03 -12.23 13.97
C THR A 206 -5.53 -12.99 15.25
N ARG A 207 -5.80 -14.29 15.34
CA ARG A 207 -5.25 -15.09 16.45
C ARG A 207 -3.70 -15.01 16.64
N ARG A 208 -2.95 -15.17 15.56
CA ARG A 208 -1.48 -15.14 15.59
C ARG A 208 -0.95 -13.79 16.03
N VAL A 209 -1.60 -12.74 15.55
CA VAL A 209 -1.20 -11.42 15.92
C VAL A 209 -1.55 -11.15 17.39
N ASN A 210 -2.75 -11.53 17.80
CA ASN A 210 -3.22 -11.34 19.21
C ASN A 210 -2.29 -12.10 20.19
N ARG A 211 -1.82 -13.26 19.78
CA ARG A 211 -0.94 -14.05 20.65
C ARG A 211 0.41 -13.36 20.86
N THR A 212 0.64 -12.33 20.07
CA THR A 212 1.84 -11.55 20.10
C THR A 212 1.59 -10.26 20.89
N ASN A 213 0.39 -10.17 21.49
CA ASN A 213 0.00 -9.00 22.25
C ASN A 213 -0.15 -7.75 21.35
N VAL A 214 -0.57 -7.97 20.09
CA VAL A 214 -0.96 -6.87 19.19
C VAL A 214 -2.48 -6.98 18.93
N TRP A 215 -3.21 -5.85 19.01
CA TRP A 215 -4.66 -5.87 19.00
C TRP A 215 -5.30 -4.96 17.94
N GLN A 216 -4.47 -4.23 17.18
CA GLN A 216 -4.91 -3.39 16.06
C GLN A 216 -4.24 -3.85 14.77
N ALA A 217 -4.92 -3.65 13.63
CA ALA A 217 -4.26 -3.80 12.34
C ALA A 217 -4.66 -2.66 11.44
N VAL A 218 -3.83 -2.37 10.44
CA VAL A 218 -4.24 -1.47 9.36
C VAL A 218 -4.23 -2.24 8.05
N TYR A 219 -5.22 -1.99 7.19
CA TYR A 219 -5.26 -2.69 5.88
C TYR A 219 -6.01 -1.80 4.94
N THR A 220 -5.80 -2.02 3.66
CA THR A 220 -6.51 -1.32 2.63
C THR A 220 -7.19 -2.33 1.69
N ALA A 221 -8.18 -1.83 0.95
CA ALA A 221 -8.80 -2.59 -0.13
C ALA A 221 -9.44 -1.66 -1.17
N GLY A 222 -9.44 -2.13 -2.42
CA GLY A 222 -10.12 -1.48 -3.53
C GLY A 222 -11.60 -1.79 -3.57
N VAL A 223 -12.12 -2.44 -2.52
CA VAL A 223 -13.52 -2.69 -2.33
C VAL A 223 -14.01 -2.04 -1.05
N LEU A 224 -15.29 -1.70 -1.08
CA LEU A 224 -15.98 -1.15 0.12
C LEU A 224 -16.36 -2.25 1.11
N LEU A 225 -15.85 -2.12 2.35
CA LEU A 225 -16.14 -2.98 3.48
C LEU A 225 -16.55 -2.14 4.70
N PRO A 226 -17.19 -2.74 5.73
CA PRO A 226 -17.36 -1.97 6.93
C PRO A 226 -16.04 -1.81 7.71
N THR A 227 -15.59 -0.59 8.01
CA THR A 227 -16.05 0.65 7.41
C THR A 227 -14.75 1.51 7.32
N PRO A 228 -14.49 2.13 6.16
CA PRO A 228 -13.27 2.93 6.01
C PRO A 228 -13.15 4.15 6.87
N TYR A 229 -11.92 4.49 7.26
CA TYR A 229 -11.62 5.80 7.88
C TYR A 229 -11.13 6.82 6.85
N ALA A 230 -10.80 6.36 5.65
CA ALA A 230 -10.36 7.24 4.57
C ALA A 230 -10.47 6.52 3.22
N SER A 231 -10.61 7.29 2.16
CA SER A 231 -10.75 6.70 0.81
C SER A 231 -10.13 7.65 -0.16
N GLY A 232 -9.42 7.13 -1.16
CA GLY A 232 -8.93 8.00 -2.22
C GLY A 232 -8.91 7.40 -3.60
N GLN A 233 -8.94 8.27 -4.59
CA GLN A 233 -8.89 7.79 -5.98
C GLN A 233 -7.48 7.35 -6.38
N TYR A 234 -7.39 6.47 -7.37
CA TYR A 234 -6.07 6.21 -8.02
C TYR A 234 -5.85 7.21 -9.12
N PHE A 235 -4.58 7.51 -9.37
CA PHE A 235 -4.12 8.45 -10.38
C PHE A 235 -2.97 7.84 -11.13
N HIS A 236 -2.99 7.91 -12.47
CA HIS A 236 -1.90 7.37 -13.28
C HIS A 236 -1.37 8.42 -14.23
N ARG A 237 -0.13 8.21 -14.63
CA ARG A 237 0.58 9.08 -15.54
C ARG A 237 1.26 8.26 -16.59
N SER A 238 0.84 8.38 -17.83
CA SER A 238 1.45 7.64 -18.94
C SER A 238 2.94 7.96 -19.16
N LEU A 239 3.77 6.93 -19.20
CA LEU A 239 5.17 7.11 -19.55
C LEU A 239 5.47 6.60 -20.99
N ASN A 240 4.78 5.56 -21.40
CA ASN A 240 4.93 4.98 -22.73
C ASN A 240 3.57 4.89 -23.39
N PRO A 241 3.09 5.99 -23.99
CA PRO A 241 1.72 5.93 -24.49
C PRO A 241 1.54 4.96 -25.65
N GLU A 242 2.60 4.73 -26.43
CA GLU A 242 2.52 3.76 -27.54
C GLU A 242 2.03 2.38 -26.99
N LYS A 243 2.73 1.89 -25.98
CA LYS A 243 2.41 0.60 -25.37
C LYS A 243 1.08 0.64 -24.65
N LEU A 244 0.77 1.74 -23.95
CA LEU A 244 -0.54 1.88 -23.27
C LEU A 244 -1.78 1.81 -24.18
N VAL A 245 -1.74 2.41 -25.39
CA VAL A 245 -2.94 2.36 -26.28
C VAL A 245 -3.16 0.90 -26.69
N GLU A 246 -2.03 0.25 -26.99
CA GLU A 246 -1.96 -1.10 -27.51
C GLU A 246 -2.72 -2.07 -26.59
N ILE A 247 -2.80 -1.71 -25.31
CA ILE A 247 -3.71 -2.38 -24.38
C ILE A 247 -4.95 -1.51 -24.03
N ARG A 248 -4.83 -0.68 -23.03
CA ARG A 248 -5.98 -0.16 -22.32
C ARG A 248 -5.69 1.26 -21.80
N PHE A 249 -6.68 2.11 -22.01
CA PHE A 249 -6.57 3.54 -22.36
C PHE A 249 -7.63 3.70 -23.47
N SER A 250 -8.45 2.64 -23.59
CA SER A 250 -9.43 2.36 -24.67
C SER A 250 -8.86 2.56 -26.09
N GLY A 251 -7.69 1.96 -26.36
CA GLY A 251 -6.85 2.36 -27.51
C GLY A 251 -6.27 3.76 -27.32
N ILE A 252 -6.43 4.62 -28.33
CA ILE A 252 -6.12 6.06 -28.18
C ILE A 252 -7.26 6.72 -27.36
N PRO A 253 -6.90 7.44 -26.28
CA PRO A 253 -7.88 8.18 -25.47
C PRO A 253 -8.86 8.97 -26.33
N ALA A 254 -10.14 8.79 -26.03
CA ALA A 254 -11.24 9.30 -26.87
C ALA A 254 -10.99 10.74 -27.33
N GLN A 255 -10.63 11.60 -26.39
CA GLN A 255 -10.52 13.04 -26.66
C GLN A 255 -9.47 13.38 -27.72
N TYR A 256 -8.60 12.39 -28.02
CA TYR A 256 -7.49 12.55 -29.00
C TYR A 256 -7.86 12.12 -30.41
N GLN A 257 -8.85 11.22 -30.52
CA GLN A 257 -9.32 10.70 -31.83
C GLN A 257 -9.67 11.87 -32.77
N LYS A 258 -10.26 12.91 -32.19
CA LYS A 258 -10.74 14.09 -32.91
C LYS A 258 -9.69 14.94 -33.64
N PHE A 259 -8.42 14.52 -33.71
CA PHE A 259 -7.42 15.28 -34.49
C PHE A 259 -6.69 14.42 -35.49
N GLN A 260 -5.73 15.05 -36.19
CA GLN A 260 -5.13 14.52 -37.41
C GLN A 260 -4.25 13.33 -37.12
N ASN A 261 -3.22 13.52 -36.29
CA ASN A 261 -2.37 12.39 -35.87
C ASN A 261 -2.35 12.22 -34.34
N PRO A 262 -3.42 11.59 -33.80
CA PRO A 262 -3.57 11.26 -32.39
C PRO A 262 -2.29 10.71 -31.71
N MET A 263 -1.64 9.70 -32.28
CA MET A 263 -0.50 9.07 -31.60
C MET A 263 0.72 9.97 -31.43
N ALA A 264 0.95 10.82 -32.43
CA ALA A 264 2.09 11.69 -32.35
C ALA A 264 1.76 12.80 -31.34
N MET A 265 0.49 13.21 -31.31
CA MET A 265 -0.01 14.19 -30.38
C MET A 265 0.04 13.65 -28.93
N LEU A 266 -0.34 12.37 -28.77
CA LEU A 266 -0.29 11.67 -27.50
C LEU A 266 1.16 11.57 -26.99
N LYS A 267 2.06 11.10 -27.85
CA LYS A 267 3.44 11.03 -27.47
C LYS A 267 3.98 12.38 -27.05
N ARG A 268 3.60 13.43 -27.76
CA ARG A 268 4.04 14.80 -27.45
C ARG A 268 3.54 15.24 -26.08
N ASN A 269 2.30 14.90 -25.79
CA ASN A 269 1.73 15.29 -24.54
C ASN A 269 2.52 14.75 -23.33
N TYR A 270 2.93 13.49 -23.42
CA TYR A 270 3.51 12.76 -22.30
C TYR A 270 5.07 12.67 -22.31
N GLN A 271 5.70 13.28 -23.33
CA GLN A 271 7.14 13.19 -23.51
C GLN A 271 7.86 13.70 -22.26
N LEU A 272 9.04 13.13 -21.97
CA LEU A 272 9.80 13.52 -20.78
C LEU A 272 11.25 13.67 -21.13
N PRO A 273 11.97 14.56 -20.42
CA PRO A 273 13.41 14.67 -20.61
C PRO A 273 14.15 13.34 -20.37
N SER A 274 15.33 13.20 -20.94
CA SER A 274 16.12 11.97 -20.83
C SER A 274 16.84 11.83 -19.48
N ALA A 275 17.08 12.94 -18.82
CA ALA A 275 17.85 12.91 -17.62
C ALA A 275 17.22 13.82 -16.58
N PRO A 276 17.41 13.54 -15.27
CA PRO A 276 16.80 14.38 -14.24
C PRO A 276 17.15 15.87 -14.36
N LYS A 277 16.20 16.70 -13.97
CA LYS A 277 16.39 18.13 -14.03
C LYS A 277 17.13 18.63 -12.82
N ASN A 278 16.99 17.96 -11.69
CA ASN A 278 17.58 18.43 -10.50
C ASN A 278 19.05 18.02 -10.45
N SER A 279 19.95 18.98 -10.59
CA SER A 279 21.37 18.64 -10.47
C SER A 279 21.53 18.33 -8.99
N GLY A 280 22.42 17.46 -8.65
CA GLY A 280 22.44 17.02 -7.24
C GLY A 280 21.55 15.81 -6.97
N LEU A 281 20.69 15.42 -7.91
CA LEU A 281 19.94 14.14 -7.83
C LEU A 281 20.87 12.97 -8.04
N ARG A 282 20.81 12.00 -7.13
CA ARG A 282 21.57 10.78 -7.31
C ARG A 282 20.85 9.64 -6.59
N GLU A 283 21.20 8.37 -6.88
CA GLU A 283 20.61 7.24 -6.12
C GLU A 283 20.96 7.35 -4.67
N MET A 284 20.05 6.92 -3.84
CA MET A 284 20.22 6.83 -2.42
C MET A 284 21.24 5.74 -2.10
N LYS A 285 22.08 6.01 -1.11
CA LYS A 285 23.12 5.06 -0.65
C LYS A 285 22.96 4.80 0.80
N PRO A 286 23.60 3.71 1.31
CA PRO A 286 23.47 3.42 2.74
C PRO A 286 23.80 4.60 3.67
N SER A 287 24.78 5.44 3.35
CA SER A 287 25.07 6.52 4.33
C SER A 287 24.05 7.65 4.35
N ASP A 288 23.13 7.68 3.40
CA ASP A 288 22.06 8.66 3.38
C ASP A 288 21.00 8.29 4.40
N VAL A 289 21.02 7.04 4.94
CA VAL A 289 19.90 6.56 5.81
C VAL A 289 19.50 7.54 6.95
N PRO A 290 20.48 7.99 7.79
CA PRO A 290 20.05 8.93 8.80
C PRO A 290 19.35 10.22 8.30
N GLN A 291 19.87 10.86 7.28
CA GLN A 291 19.31 12.09 6.76
C GLN A 291 17.90 11.91 6.11
N VAL A 292 17.75 10.86 5.32
CA VAL A 292 16.44 10.46 4.75
C VAL A 292 15.44 10.21 5.86
N ARG A 293 15.84 9.47 6.90
CA ARG A 293 14.96 9.21 8.02
C ARG A 293 14.50 10.54 8.62
N ARG A 294 15.41 11.47 8.88
CA ARG A 294 15.03 12.74 9.47
C ARG A 294 14.05 13.57 8.62
N ILE A 295 14.38 13.86 7.34
CA ILE A 295 13.48 14.65 6.53
C ILE A 295 12.16 13.92 6.26
N LEU A 296 12.16 12.58 6.25
CA LEU A 296 10.92 11.86 6.06
C LEU A 296 10.04 11.96 7.30
N MET A 297 10.60 11.64 8.46
CA MET A 297 9.84 11.78 9.70
C MET A 297 9.29 13.20 9.93
N ASN A 298 10.09 14.24 9.69
CA ASN A 298 9.63 15.63 9.85
C ASN A 298 8.44 15.88 8.92
N TYR A 299 8.55 15.40 7.69
CA TYR A 299 7.48 15.61 6.73
C TYR A 299 6.22 14.86 7.12
N LEU A 300 6.35 13.58 7.49
CA LEU A 300 5.16 12.78 7.83
C LEU A 300 4.37 13.24 9.09
N ASP A 301 4.97 14.01 9.99
CA ASP A 301 4.25 14.62 11.12
C ASP A 301 3.05 15.52 10.76
N SER A 302 3.06 16.12 9.59
CA SER A 302 1.94 16.93 9.18
C SER A 302 0.65 16.12 8.87
N PHE A 303 0.72 14.78 8.90
CA PHE A 303 -0.43 13.92 8.53
C PHE A 303 -0.98 13.26 9.79
N ASP A 304 -2.30 13.08 9.81
CA ASP A 304 -2.95 12.41 10.93
C ASP A 304 -2.57 10.94 11.13
N VAL A 305 -2.50 10.18 10.05
CA VAL A 305 -2.11 8.77 10.14
C VAL A 305 -0.84 8.55 9.35
N GLY A 306 0.17 8.00 10.00
CA GLY A 306 1.38 7.74 9.27
C GLY A 306 2.38 6.86 9.97
N PRO A 307 3.28 6.25 9.19
CA PRO A 307 4.27 5.37 9.76
C PRO A 307 5.45 6.11 10.44
N VAL A 308 6.06 5.45 11.41
CA VAL A 308 7.36 5.80 12.01
C VAL A 308 8.35 4.72 11.65
N PHE A 309 9.46 5.12 11.07
CA PHE A 309 10.49 4.22 10.67
C PHE A 309 11.78 4.49 11.44
N SER A 310 12.39 3.41 11.94
CA SER A 310 13.78 3.42 12.44
C SER A 310 14.78 3.50 11.30
N ASP A 311 16.05 3.71 11.64
CA ASP A 311 17.09 3.60 10.61
C ASP A 311 17.00 2.30 9.79
N ALA A 312 16.82 1.15 10.48
CA ALA A 312 16.76 -0.20 9.85
C ALA A 312 15.57 -0.30 8.86
N GLU A 313 14.44 0.31 9.23
CA GLU A 313 13.25 0.30 8.42
C GLU A 313 13.35 1.25 7.21
N ILE A 314 14.07 2.35 7.39
CA ILE A 314 14.31 3.27 6.31
C ILE A 314 15.21 2.55 5.33
N SER A 315 16.23 1.85 5.85
CA SER A 315 17.17 1.19 5.01
C SER A 315 16.42 0.06 4.23
N HIS A 316 15.55 -0.69 4.92
CA HIS A 316 14.87 -1.83 4.27
C HIS A 316 13.94 -1.32 3.13
N TYR A 317 13.14 -0.33 3.45
CA TYR A 317 12.10 0.13 2.53
C TYR A 317 12.55 1.07 1.41
N LEU A 318 13.67 1.79 1.62
CA LEU A 318 14.09 2.83 0.70
C LEU A 318 15.42 2.59 0.02
N LEU A 319 16.34 1.83 0.61
CA LEU A 319 17.55 1.53 -0.18
C LEU A 319 17.21 0.84 -1.51
N PRO A 320 17.79 1.33 -2.65
CA PRO A 320 17.52 0.74 -3.96
C PRO A 320 17.69 -0.78 -3.96
N ARG A 321 16.77 -1.49 -4.60
CA ARG A 321 16.89 -2.95 -4.84
C ARG A 321 16.39 -3.13 -6.25
N ASP A 322 17.26 -3.63 -7.11
CA ASP A 322 16.95 -3.93 -8.53
C ASP A 322 15.61 -4.60 -8.71
N GLY A 323 14.93 -4.10 -9.72
CA GLY A 323 13.57 -4.43 -10.06
C GLY A 323 12.49 -4.35 -8.99
N VAL A 324 12.73 -3.65 -7.88
CA VAL A 324 11.82 -3.68 -6.74
C VAL A 324 11.54 -2.25 -6.26
N VAL A 325 12.56 -1.58 -5.74
CA VAL A 325 12.35 -0.25 -5.18
C VAL A 325 13.54 0.64 -5.63
N PHE A 326 13.27 1.92 -5.93
CA PHE A 326 14.20 2.84 -6.56
C PHE A 326 14.11 4.12 -5.78
N THR A 327 15.26 4.69 -5.40
CA THR A 327 15.20 5.81 -4.45
C THR A 327 16.32 6.74 -4.78
N TYR A 328 16.00 8.03 -4.81
CA TYR A 328 16.89 9.07 -5.28
C TYR A 328 16.81 10.19 -4.26
N VAL A 329 17.94 10.82 -4.04
CA VAL A 329 18.03 11.92 -3.12
C VAL A 329 18.58 13.14 -3.86
N VAL A 330 18.18 14.34 -3.41
CA VAL A 330 18.79 15.57 -3.91
C VAL A 330 19.77 15.90 -2.79
N GLU A 331 21.04 15.92 -3.17
CA GLU A 331 22.08 16.28 -2.24
C GLU A 331 22.68 17.56 -2.71
N ASN A 332 22.69 18.53 -1.81
CA ASN A 332 23.20 19.87 -2.01
C ASN A 332 24.22 20.15 -0.93
N ASP A 333 25.44 20.49 -1.32
CA ASP A 333 26.48 20.84 -0.36
C ASP A 333 26.69 19.67 0.60
N LYS A 334 26.75 18.48 0.02
CA LYS A 334 26.92 17.26 0.79
C LYS A 334 25.82 17.03 1.83
N LYS A 335 24.66 17.62 1.63
CA LYS A 335 23.52 17.40 2.55
C LYS A 335 22.31 16.96 1.75
N VAL A 336 21.63 15.91 2.23
CA VAL A 336 20.35 15.49 1.61
C VAL A 336 19.22 16.43 2.03
N THR A 337 18.58 17.08 1.08
CA THR A 337 17.54 18.02 1.35
C THR A 337 16.21 17.54 0.78
N ASP A 338 16.26 16.62 -0.18
CA ASP A 338 15.00 16.05 -0.70
C ASP A 338 15.27 14.62 -1.13
N PHE A 339 14.18 13.85 -1.30
CA PHE A 339 14.27 12.50 -1.85
C PHE A 339 12.93 12.03 -2.40
N PHE A 340 12.95 11.08 -3.34
CA PHE A 340 11.73 10.36 -3.72
C PHE A 340 12.01 8.90 -3.88
N SER A 341 10.96 8.10 -3.88
CA SER A 341 11.12 6.64 -4.08
C SER A 341 9.91 6.16 -4.85
N PHE A 342 10.08 5.09 -5.61
CA PHE A 342 8.95 4.44 -6.26
C PHE A 342 9.21 2.94 -6.27
N TYR A 343 8.15 2.10 -6.30
CA TYR A 343 8.34 0.62 -6.36
C TYR A 343 7.64 0.02 -7.57
N ARG A 344 8.08 -1.16 -7.97
CA ARG A 344 7.66 -1.72 -9.22
C ARG A 344 6.63 -2.81 -8.99
N ILE A 345 5.47 -2.69 -9.62
CA ILE A 345 4.52 -3.81 -9.63
C ILE A 345 4.10 -3.98 -11.10
N PRO A 346 4.62 -4.99 -11.75
CA PRO A 346 4.07 -5.38 -13.05
C PRO A 346 2.63 -5.88 -12.92
N SER A 347 1.81 -5.66 -13.97
CA SER A 347 0.53 -6.34 -14.01
C SER A 347 0.45 -7.21 -15.28
N THR A 348 -0.24 -8.34 -15.14
CA THR A 348 -0.66 -9.17 -16.29
C THR A 348 -1.78 -8.47 -17.04
N VAL A 349 -1.62 -8.29 -18.33
CA VAL A 349 -2.67 -7.62 -19.14
C VAL A 349 -3.72 -8.70 -19.55
N ILE A 350 -4.90 -8.70 -18.93
CA ILE A 350 -5.72 -9.95 -18.87
C ILE A 350 -6.10 -10.67 -20.20
N GLY A 351 -6.27 -9.95 -21.31
CA GLY A 351 -6.64 -10.64 -22.56
C GLY A 351 -5.86 -10.32 -23.83
N ASN A 352 -4.69 -9.71 -23.70
CA ASN A 352 -3.96 -9.16 -24.87
C ASN A 352 -3.01 -10.18 -25.54
N SER A 353 -2.51 -9.88 -26.75
CA SER A 353 -1.50 -10.74 -27.42
C SER A 353 -0.08 -10.15 -27.48
N ASN A 354 0.09 -9.08 -28.29
CA ASN A 354 1.39 -8.38 -28.48
C ASN A 354 2.07 -8.02 -27.14
N TYR A 355 1.29 -8.01 -26.06
CA TYR A 355 1.64 -7.26 -24.84
C TYR A 355 0.91 -7.83 -23.61
N ASN A 356 1.58 -8.75 -22.93
CA ASN A 356 1.00 -9.42 -21.77
C ASN A 356 1.39 -8.81 -20.44
N LEU A 357 2.38 -7.88 -20.45
CA LEU A 357 2.84 -7.24 -19.24
C LEU A 357 2.75 -5.69 -19.25
N LEU A 358 2.30 -5.17 -18.13
CA LEU A 358 2.30 -3.73 -17.89
C LEU A 358 3.34 -3.42 -16.82
N ASN A 359 4.24 -2.47 -17.08
CA ASN A 359 5.35 -2.33 -16.17
C ASN A 359 5.07 -1.05 -15.40
N ALA A 360 4.56 -1.18 -14.19
CA ALA A 360 4.08 0.03 -13.47
C ALA A 360 4.98 0.44 -12.31
N ALA A 361 5.22 1.76 -12.16
CA ALA A 361 5.96 2.27 -11.05
C ALA A 361 4.98 2.99 -10.15
N TYR A 362 4.99 2.70 -8.84
CA TYR A 362 4.10 3.29 -7.84
C TYR A 362 4.81 4.29 -6.95
N VAL A 363 4.22 5.46 -6.76
CA VAL A 363 4.87 6.49 -5.93
C VAL A 363 4.92 5.97 -4.50
N HIS A 364 6.10 6.01 -3.90
CA HIS A 364 6.37 5.54 -2.56
C HIS A 364 6.66 6.83 -1.75
N TYR A 365 7.43 6.71 -0.66
CA TYR A 365 7.72 7.87 0.18
C TYR A 365 8.58 8.89 -0.53
N TYR A 366 8.43 10.14 -0.11
CA TYR A 366 9.25 11.22 -0.58
C TYR A 366 9.25 12.35 0.43
N ALA A 367 10.13 13.34 0.24
CA ALA A 367 10.04 14.56 1.04
C ALA A 367 10.73 15.66 0.26
N ALA A 368 10.11 16.84 0.18
CA ALA A 368 10.74 17.98 -0.53
C ALA A 368 10.98 19.12 0.48
N THR A 369 12.19 19.66 0.55
CA THR A 369 12.44 20.87 1.38
C THR A 369 13.13 22.01 0.66
N SER A 370 13.76 21.74 -0.50
CA SER A 370 14.50 22.75 -1.25
C SER A 370 13.82 23.14 -2.55
N ILE A 371 12.89 22.29 -3.00
CA ILE A 371 12.19 22.55 -4.26
C ILE A 371 10.68 22.25 -4.18
N PRO A 372 9.89 22.78 -5.13
CA PRO A 372 8.47 22.51 -5.14
C PRO A 372 8.28 21.01 -5.39
N LEU A 373 7.30 20.42 -4.73
CA LEU A 373 7.05 18.97 -4.89
C LEU A 373 7.00 18.50 -6.36
N HIS A 374 6.25 19.21 -7.21
CA HIS A 374 6.14 18.89 -8.66
C HIS A 374 7.48 18.79 -9.40
N GLN A 375 8.44 19.63 -8.99
CA GLN A 375 9.79 19.59 -9.56
C GLN A 375 10.57 18.35 -9.10
N LEU A 376 10.31 17.92 -7.86
CA LEU A 376 10.91 16.72 -7.32
C LEU A 376 10.34 15.48 -8.04
N ILE A 377 9.03 15.45 -8.19
CA ILE A 377 8.34 14.30 -8.72
C ILE A 377 8.48 14.21 -10.23
N LEU A 378 8.65 15.36 -10.92
CA LEU A 378 8.99 15.34 -12.35
C LEU A 378 10.23 14.47 -12.51
N ASP A 379 11.19 14.53 -11.59
CA ASP A 379 12.37 13.67 -11.77
C ASP A 379 12.02 12.20 -11.54
N LEU A 380 11.12 11.90 -10.61
CA LEU A 380 10.57 10.53 -10.50
C LEU A 380 10.08 9.97 -11.84
N LEU A 381 9.26 10.77 -12.53
CA LEU A 381 8.69 10.34 -13.80
C LEU A 381 9.81 10.15 -14.80
N ILE A 382 10.80 11.06 -14.79
CA ILE A 382 11.94 10.99 -15.77
C ILE A 382 12.72 9.72 -15.50
N VAL A 383 13.06 9.47 -14.23
CA VAL A 383 13.78 8.24 -13.90
C VAL A 383 12.99 6.98 -14.27
N ALA A 384 11.70 6.96 -13.95
CA ALA A 384 10.86 5.81 -14.29
C ALA A 384 10.80 5.53 -15.80
N HIS A 385 10.58 6.60 -16.55
CA HIS A 385 10.52 6.47 -17.97
C HIS A 385 11.84 5.96 -18.52
N SER A 386 12.94 6.55 -18.06
CA SER A 386 14.31 6.16 -18.47
C SER A 386 14.54 4.66 -18.21
N ARG A 387 13.97 4.17 -17.11
CA ARG A 387 14.15 2.75 -16.75
C ARG A 387 13.09 1.78 -17.30
N GLY A 388 12.40 2.17 -18.36
CA GLY A 388 11.47 1.27 -19.00
C GLY A 388 10.10 1.09 -18.38
N PHE A 389 9.66 1.94 -17.44
CA PHE A 389 8.31 1.83 -16.87
C PHE A 389 7.29 2.38 -17.85
N ASP A 390 6.08 1.81 -17.87
CA ASP A 390 5.04 2.23 -18.82
C ASP A 390 4.12 3.31 -18.27
N VAL A 391 4.01 3.37 -16.94
CA VAL A 391 3.04 4.25 -16.28
C VAL A 391 3.51 4.41 -14.85
N CYS A 392 3.14 5.53 -14.24
CA CYS A 392 3.37 5.77 -12.84
C CYS A 392 1.99 5.84 -12.21
N ASN A 393 1.81 5.16 -11.10
CA ASN A 393 0.55 5.05 -10.45
C ASN A 393 0.66 5.53 -9.02
N MET A 394 -0.44 6.02 -8.46
CA MET A 394 -0.50 6.39 -7.03
C MET A 394 -1.93 6.52 -6.52
N VAL A 395 -2.08 6.51 -5.21
CA VAL A 395 -3.32 6.97 -4.59
C VAL A 395 -3.11 8.43 -4.15
N GLU A 396 -4.18 9.26 -4.20
CA GLU A 396 -4.18 10.65 -3.74
C GLU A 396 -3.92 10.84 -2.23
N ILE A 397 -3.05 10.03 -1.64
CA ILE A 397 -2.64 10.23 -0.25
C ILE A 397 -1.51 11.26 -0.20
N LEU A 398 -0.92 11.46 0.99
CA LEU A 398 0.21 12.39 1.19
C LEU A 398 -0.18 13.75 0.56
N ASP A 399 0.73 14.35 -0.17
CA ASP A 399 0.41 15.54 -0.90
C ASP A 399 0.44 15.27 -2.39
N ASN A 400 0.03 14.05 -2.79
CA ASN A 400 0.07 13.62 -4.17
C ASN A 400 -0.83 14.48 -5.07
N ARG A 401 -1.88 15.04 -4.49
CA ARG A 401 -2.76 15.93 -5.27
C ARG A 401 -2.07 17.20 -5.74
N SER A 402 -1.02 17.60 -5.04
CA SER A 402 -0.32 18.87 -5.37
C SER A 402 0.50 18.77 -6.66
N PHE A 403 0.70 17.59 -7.23
CA PHE A 403 1.36 17.56 -8.52
C PHE A 403 0.55 16.89 -9.67
N VAL A 404 -0.69 16.51 -9.40
CA VAL A 404 -1.53 15.84 -10.40
C VAL A 404 -1.64 16.57 -11.73
N GLU A 405 -1.99 17.86 -11.63
CA GLU A 405 -2.31 18.62 -12.82
C GLU A 405 -1.04 18.94 -13.57
N GLN A 406 -0.05 19.48 -12.88
CA GLN A 406 1.15 19.86 -13.62
C GLN A 406 1.89 18.66 -14.26
N LEU A 407 1.89 17.53 -13.57
CA LEU A 407 2.59 16.34 -14.09
C LEU A 407 1.69 15.42 -14.95
N LYS A 408 0.47 15.89 -15.27
CA LYS A 408 -0.40 15.24 -16.23
C LYS A 408 -0.88 13.85 -15.79
N PHE A 409 -1.08 13.68 -14.48
CA PHE A 409 -1.76 12.50 -13.98
C PHE A 409 -3.28 12.58 -14.23
N GLY A 410 -3.89 11.45 -14.51
CA GLY A 410 -5.34 11.39 -14.65
C GLY A 410 -5.88 10.35 -13.69
N ALA A 411 -7.07 10.62 -13.13
CA ALA A 411 -7.71 9.66 -12.23
C ALA A 411 -7.98 8.34 -12.94
N GLY A 412 -7.81 7.20 -12.25
CA GLY A 412 -8.23 5.88 -12.82
C GLY A 412 -9.60 5.50 -12.26
N ASP A 413 -10.04 4.24 -12.42
CA ASP A 413 -11.38 3.86 -11.95
C ASP A 413 -11.31 3.31 -10.53
N GLY A 414 -10.09 3.10 -10.07
CA GLY A 414 -9.87 2.62 -8.70
C GLY A 414 -10.15 3.59 -7.54
N HIS A 415 -10.61 3.04 -6.42
CA HIS A 415 -10.55 3.75 -5.12
C HIS A 415 -9.96 2.81 -4.10
N LEU A 416 -8.99 3.30 -3.35
CA LEU A 416 -8.36 2.58 -2.25
C LEU A 416 -8.92 3.09 -0.94
N ARG A 417 -9.48 2.18 -0.17
CA ARG A 417 -10.07 2.50 1.12
C ARG A 417 -9.11 2.05 2.16
N TYR A 418 -8.98 2.83 3.23
CA TYR A 418 -8.10 2.53 4.35
C TYR A 418 -8.99 2.16 5.55
N TYR A 419 -8.57 1.14 6.29
CA TYR A 419 -9.31 0.51 7.39
C TYR A 419 -8.41 0.23 8.56
N PHE A 420 -8.98 0.30 9.77
CA PHE A 420 -8.38 -0.32 10.92
C PHE A 420 -9.20 -1.48 11.40
N TYR A 421 -8.51 -2.38 12.07
CA TYR A 421 -9.17 -3.45 12.79
C TYR A 421 -9.04 -3.07 14.26
N ASN A 422 -10.15 -3.13 14.98
CA ASN A 422 -10.17 -2.83 16.42
C ASN A 422 -9.65 -1.40 16.80
N TRP A 423 -10.03 -0.43 15.99
CA TRP A 423 -9.65 0.96 16.22
C TRP A 423 -10.76 1.89 15.70
N ALA A 424 -11.40 2.62 16.63
CA ALA A 424 -12.36 3.69 16.30
C ALA A 424 -11.58 4.86 15.77
N TYR A 425 -11.94 5.37 14.59
CA TYR A 425 -11.21 6.50 14.01
C TYR A 425 -12.18 7.38 13.20
N PRO A 426 -12.18 8.69 13.46
CA PRO A 426 -13.00 9.61 12.70
C PRO A 426 -12.62 9.57 11.22
N LYS A 427 -13.54 9.93 10.33
CA LYS A 427 -13.22 9.96 8.94
C LYS A 427 -12.20 11.09 8.70
N ILE A 428 -11.17 10.80 7.90
CA ILE A 428 -10.21 11.83 7.48
C ILE A 428 -10.11 11.80 5.97
N LYS A 429 -9.64 12.90 5.43
CA LYS A 429 -9.37 13.04 4.03
C LYS A 429 -8.16 12.16 3.66
N PRO A 430 -8.06 11.71 2.41
CA PRO A 430 -6.84 10.95 2.00
C PRO A 430 -5.54 11.72 2.03
N SER A 431 -5.69 13.04 1.94
CA SER A 431 -4.56 13.91 2.08
C SER A 431 -4.10 14.06 3.54
N GLN A 432 -4.75 13.39 4.48
CA GLN A 432 -4.26 13.28 5.88
C GLN A 432 -3.72 11.85 6.26
N VAL A 433 -3.46 11.07 5.20
CA VAL A 433 -2.96 9.71 5.31
C VAL A 433 -1.54 9.64 4.71
N ALA A 434 -0.61 9.17 5.50
CA ALA A 434 0.80 9.09 5.07
C ALA A 434 1.35 7.67 4.95
N LEU A 435 0.48 6.69 5.14
CA LEU A 435 0.89 5.28 4.99
C LEU A 435 0.69 4.77 3.54
N VAL A 436 1.81 4.50 2.87
CA VAL A 436 1.78 3.94 1.53
C VAL A 436 1.58 2.45 1.65
N MET A 437 0.57 1.92 0.95
CA MET A 437 0.33 0.48 0.92
C MET A 437 1.01 -0.16 -0.28
N LEU A 438 1.89 -1.12 -0.01
CA LEU A 438 2.62 -1.80 -1.07
C LEU A 438 1.65 -2.74 -1.79
#